data_4M00
#
_entry.id   4M00
#
_cell.length_a   118.018
_cell.length_b   118.018
_cell.length_c   136.407
_cell.angle_alpha   90.00
_cell.angle_beta   90.00
_cell.angle_gamma   120.00
#
_symmetry.space_group_name_H-M   'P 32 2 1'
#
loop_
_entity.id
_entity.type
_entity.pdbx_description
1 polymer 'Serine-rich adhesin for platelets'
2 branched beta-D-fructofuranose-(2-1)-alpha-D-glucopyranose
3 non-polymer 'CALCIUM ION'
4 non-polymer '2-(N-MORPHOLINO)-ETHANESULFONIC ACID'
5 water water
#
_entity_poly.entity_id   1
_entity_poly.type   'polypeptide(L)'
_entity_poly.pdbx_seq_one_letter_code
;MGSSHHHHHHSSGLVPRGSHMASMTGGQQMGRGSFASAATTTAVTANTITVNKDNLKQYMTTSGNATYDQSTGIVTLTQD
AYSQKGAITLGTRIDSNKSFHFSGKVNLGNKYEGHGNGGDGIGFAFSPGVLGETGLNGAAVGIGGLSNAFGFKLDTYHNT
SKPNSAAKANADPSNVAGGGAFGAFVTTDSYGVATTYTSSSTADNAAKLNVQPTNNTFQDFDINYNGDTKVMTVKYAGQT
WTRNISDWIAKSGTTNFSLSMTASTGGATNLQQVQFGTFEYTESAVTQVRYVDVTTGKDIIPPKTYSGNVDQVVTIDNQQ
SALTAKGYNYTSVDSSYASTYNDTNKTVKMTNAGQSVTYYFTDVKAPTVTVGNQTIEVGKTMNPIVLTTTDNGTGTVTNT
VTGLPSGLSYDSATNSIIGTPTKIGQSTVTVVSTDQANNKSTTTFTINVVDTTAPTVTPIGDQSSEVYSPISPIKIATQD
NSGNAVTNTVTGLPSGLTFDSTNNTISGTPTNIGTSTISIVSTDASGNKTTTTFKYEVTRN
;
_entity_poly.pdbx_strand_id   A
#
# COMPACT_ATOMS: atom_id res chain seq x y z
N THR A 41 20.50 -4.48 3.20
CA THR A 41 19.41 -4.05 4.13
C THR A 41 19.21 -5.01 5.32
N THR A 42 18.73 -4.46 6.44
CA THR A 42 18.39 -5.22 7.65
C THR A 42 17.14 -4.61 8.28
N ALA A 43 16.21 -5.46 8.69
CA ALA A 43 14.98 -4.94 9.29
C ALA A 43 15.02 -5.05 10.82
N VAL A 44 14.07 -4.40 11.49
CA VAL A 44 13.96 -4.57 12.92
C VAL A 44 13.50 -6.02 13.20
N THR A 45 13.93 -6.59 14.33
CA THR A 45 13.55 -7.95 14.64
C THR A 45 12.20 -8.03 15.37
N ALA A 46 11.71 -6.87 15.83
CA ALA A 46 10.46 -6.80 16.58
C ALA A 46 9.69 -5.56 16.15
N ASN A 47 8.49 -5.75 15.62
CA ASN A 47 7.69 -4.64 15.10
C ASN A 47 6.84 -3.98 16.18
N THR A 48 6.50 -2.71 15.97
CA THR A 48 5.54 -2.00 16.83
C THR A 48 4.23 -1.99 16.02
N ILE A 49 3.25 -2.74 16.52
CA ILE A 49 2.05 -3.06 15.75
C ILE A 49 0.86 -2.26 16.25
N THR A 50 -0.03 -1.86 15.34
CA THR A 50 -1.34 -1.40 15.75
C THR A 50 -2.41 -2.33 15.23
N VAL A 51 -3.13 -2.95 16.15
CA VAL A 51 -4.31 -3.78 15.82
C VAL A 51 -5.48 -2.81 15.63
N ASN A 52 -6.14 -2.88 14.48
CA ASN A 52 -7.31 -2.07 14.22
C ASN A 52 -8.47 -2.98 13.80
N LYS A 53 -9.65 -2.42 13.54
CA LYS A 53 -10.79 -3.30 13.25
C LYS A 53 -10.61 -4.19 12.03
N ASP A 54 -9.83 -3.72 11.05
CA ASP A 54 -9.63 -4.48 9.81
C ASP A 54 -8.55 -5.56 9.88
N ASN A 55 -7.52 -5.37 10.68
CA ASN A 55 -6.52 -6.43 10.80
C ASN A 55 -6.73 -7.27 12.07
N LEU A 56 -7.81 -7.01 12.82
CA LEU A 56 -7.98 -7.65 14.14
C LEU A 56 -7.84 -9.18 14.07
N LYS A 57 -8.50 -9.80 13.11
CA LYS A 57 -8.46 -11.24 12.98
C LYS A 57 -7.08 -11.80 12.56
N GLN A 58 -6.21 -10.94 12.04
CA GLN A 58 -4.82 -11.30 11.76
C GLN A 58 -3.99 -11.41 13.06
N TYR A 59 -4.30 -10.59 14.06
CA TYR A 59 -3.49 -10.51 15.29
C TYR A 59 -4.11 -11.15 16.52
N MET A 60 -5.43 -11.37 16.48
CA MET A 60 -6.18 -11.79 17.67
C MET A 60 -7.14 -12.92 17.34
N THR A 61 -7.56 -13.64 18.38
CA THR A 61 -8.46 -14.79 18.24
C THR A 61 -9.61 -14.67 19.24
N THR A 62 -10.85 -14.79 18.76
CA THR A 62 -12.00 -14.82 19.67
C THR A 62 -12.28 -16.26 20.10
N SER A 63 -12.84 -16.45 21.29
CA SER A 63 -13.22 -17.80 21.73
C SER A 63 -14.53 -17.77 22.54
N GLY A 64 -15.06 -18.96 22.82
CA GLY A 64 -16.29 -19.10 23.63
C GLY A 64 -17.44 -18.42 22.91
N ASN A 65 -18.23 -17.63 23.64
CA ASN A 65 -19.40 -17.00 23.02
C ASN A 65 -19.09 -15.74 22.25
N ALA A 66 -17.82 -15.32 22.21
CA ALA A 66 -17.50 -14.03 21.59
C ALA A 66 -17.77 -14.05 20.09
N THR A 67 -18.23 -12.93 19.54
CA THR A 67 -18.35 -12.78 18.10
C THR A 67 -17.79 -11.41 17.73
N TYR A 68 -17.62 -11.16 16.44
CA TYR A 68 -16.93 -9.97 16.00
C TYR A 68 -17.59 -9.38 14.78
N ASP A 69 -17.78 -8.06 14.79
CA ASP A 69 -18.29 -7.35 13.63
C ASP A 69 -17.17 -6.43 13.07
N GLN A 70 -16.53 -6.88 12.00
CA GLN A 70 -15.44 -6.13 11.39
C GLN A 70 -15.83 -4.71 10.95
N SER A 71 -17.07 -4.48 10.53
CA SER A 71 -17.41 -3.14 10.03
C SER A 71 -17.38 -2.07 11.12
N THR A 72 -17.69 -2.45 12.36
CA THR A 72 -17.70 -1.51 13.49
C THR A 72 -16.55 -1.72 14.46
N GLY A 73 -15.84 -2.85 14.34
CA GLY A 73 -14.82 -3.20 15.30
C GLY A 73 -15.36 -3.70 16.64
N ILE A 74 -16.65 -4.03 16.70
CA ILE A 74 -17.26 -4.44 17.96
C ILE A 74 -17.08 -5.93 18.22
N VAL A 75 -16.35 -6.23 19.30
CA VAL A 75 -16.25 -7.59 19.82
C VAL A 75 -17.36 -7.73 20.85
N THR A 76 -18.33 -8.59 20.58
CA THR A 76 -19.37 -8.90 21.58
C THR A 76 -18.87 -10.10 22.35
N LEU A 77 -18.55 -9.91 23.64
CA LEU A 77 -17.94 -10.98 24.43
C LEU A 77 -19.04 -11.88 24.99
N THR A 78 -20.12 -11.27 25.50
CA THR A 78 -21.34 -12.02 25.88
C THR A 78 -22.58 -11.24 25.50
N GLN A 79 -23.65 -11.98 25.19
CA GLN A 79 -24.97 -11.39 25.10
C GLN A 79 -25.58 -11.37 26.50
N ASP A 80 -26.74 -10.75 26.62
CA ASP A 80 -27.42 -10.64 27.90
C ASP A 80 -28.21 -11.95 28.15
N ALA A 81 -27.50 -13.01 28.51
CA ALA A 81 -28.04 -14.35 28.64
C ALA A 81 -27.25 -15.03 29.74
N TYR A 82 -27.81 -16.09 30.33
CA TYR A 82 -27.16 -16.82 31.43
C TYR A 82 -25.92 -17.62 31.00
N SER A 83 -24.96 -17.73 31.92
CA SER A 83 -23.87 -18.68 31.81
C SER A 83 -23.09 -18.54 30.50
N GLN A 84 -22.77 -17.30 30.11
CA GLN A 84 -21.95 -17.10 28.90
C GLN A 84 -20.51 -16.83 29.30
N LYS A 85 -19.59 -17.08 28.38
CA LYS A 85 -18.19 -16.68 28.52
C LYS A 85 -17.60 -16.46 27.13
N GLY A 86 -16.96 -15.32 26.92
CA GLY A 86 -16.34 -15.00 25.61
C GLY A 86 -15.03 -14.26 25.86
N ALA A 87 -14.08 -14.41 24.95
CA ALA A 87 -12.79 -13.76 25.11
C ALA A 87 -12.23 -13.42 23.78
N ILE A 88 -11.28 -12.50 23.80
CA ILE A 88 -10.42 -12.28 22.66
C ILE A 88 -8.98 -12.19 23.22
N THR A 89 -8.04 -12.88 22.57
CA THR A 89 -6.63 -12.87 23.02
C THR A 89 -5.75 -12.40 21.88
N LEU A 90 -4.63 -11.77 22.22
CA LEU A 90 -3.66 -11.31 21.23
C LEU A 90 -2.64 -12.42 20.97
N GLY A 91 -2.41 -12.72 19.70
CA GLY A 91 -1.60 -13.90 19.33
C GLY A 91 -0.07 -13.70 19.36
N THR A 92 0.39 -12.55 19.87
CA THR A 92 1.83 -12.28 20.00
C THR A 92 2.11 -11.73 21.39
N ARG A 93 3.21 -12.15 22.01
CA ARG A 93 3.59 -11.61 23.34
C ARG A 93 3.94 -10.14 23.25
N ILE A 94 3.61 -9.40 24.29
CA ILE A 94 3.84 -7.96 24.37
C ILE A 94 5.11 -7.72 25.18
N ASP A 95 6.00 -6.90 24.66
CA ASP A 95 7.23 -6.51 25.36
C ASP A 95 6.95 -5.33 26.30
N SER A 96 7.00 -5.54 27.62
CA SER A 96 6.70 -4.47 28.56
C SER A 96 7.92 -3.55 28.80
N ASN A 97 9.03 -3.80 28.10
CA ASN A 97 10.06 -2.78 28.01
C ASN A 97 9.70 -1.67 27.06
N LYS A 98 8.56 -1.83 26.37
CA LYS A 98 8.05 -0.81 25.46
C LYS A 98 6.61 -0.43 25.85
N SER A 99 6.16 0.72 25.39
CA SER A 99 4.80 1.18 25.68
C SER A 99 3.76 0.28 24.98
N PHE A 100 2.57 0.23 25.55
CA PHE A 100 1.45 -0.37 24.84
C PHE A 100 0.18 0.43 25.18
N HIS A 101 -0.86 0.31 24.37
CA HIS A 101 -1.97 1.26 24.45
C HIS A 101 -3.20 0.71 23.80
N PHE A 102 -4.23 0.41 24.61
CA PHE A 102 -5.58 0.19 24.07
C PHE A 102 -6.36 1.49 24.09
N SER A 103 -6.94 1.84 22.95
CA SER A 103 -7.77 3.02 22.85
C SER A 103 -9.07 2.62 22.13
N GLY A 104 -10.21 2.65 22.82
CA GLY A 104 -11.46 2.18 22.20
C GLY A 104 -12.65 2.52 23.07
N LYS A 105 -13.66 1.66 23.01
CA LYS A 105 -14.88 1.86 23.80
C LYS A 105 -15.32 0.53 24.38
N VAL A 106 -16.10 0.61 25.45
CA VAL A 106 -16.59 -0.58 26.14
C VAL A 106 -18.07 -0.40 26.47
N ASN A 107 -18.87 -1.43 26.18
CA ASN A 107 -20.23 -1.48 26.70
C ASN A 107 -20.27 -2.50 27.83
N LEU A 108 -20.47 -2.02 29.05
CA LEU A 108 -20.48 -2.87 30.24
C LEU A 108 -21.88 -3.44 30.55
N GLY A 109 -22.90 -2.86 29.93
CA GLY A 109 -24.26 -3.45 30.04
C GLY A 109 -25.28 -2.41 30.46
N ASN A 110 -26.33 -2.86 31.15
CA ASN A 110 -27.41 -1.93 31.51
C ASN A 110 -27.96 -2.14 32.92
N LYS A 111 -27.27 -2.97 33.70
CA LYS A 111 -27.61 -3.23 35.10
C LYS A 111 -26.35 -3.66 35.86
N TYR A 112 -26.42 -3.58 37.20
CA TYR A 112 -25.21 -3.72 38.01
C TYR A 112 -25.63 -3.76 39.48
N GLU A 113 -24.66 -3.98 40.35
CA GLU A 113 -24.90 -4.16 41.78
C GLU A 113 -25.88 -3.16 42.38
N GLY A 114 -26.97 -3.67 42.94
CA GLY A 114 -27.98 -2.81 43.60
C GLY A 114 -29.00 -2.23 42.63
N HIS A 115 -28.82 -2.49 41.33
CA HIS A 115 -29.64 -1.89 40.29
C HIS A 115 -29.78 -2.86 39.16
N GLY A 116 -30.44 -3.97 39.43
CA GLY A 116 -30.65 -5.00 38.41
C GLY A 116 -29.70 -6.18 38.55
N ASN A 117 -30.04 -7.25 37.87
CA ASN A 117 -29.32 -8.50 37.98
C ASN A 117 -28.12 -8.52 36.99
N GLY A 118 -27.15 -7.62 37.21
CA GLY A 118 -26.04 -7.41 36.26
C GLY A 118 -24.75 -8.10 36.66
N GLY A 119 -24.05 -8.64 35.67
CA GLY A 119 -22.76 -9.30 35.93
C GLY A 119 -22.32 -9.95 34.63
N ASP A 120 -21.13 -10.54 34.57
CA ASP A 120 -20.17 -10.55 35.71
C ASP A 120 -19.17 -9.41 35.64
N GLY A 121 -18.97 -8.87 34.44
CA GLY A 121 -18.01 -7.79 34.24
C GLY A 121 -16.95 -8.22 33.22
N ILE A 122 -16.01 -7.32 32.91
CA ILE A 122 -15.05 -7.55 31.84
C ILE A 122 -13.64 -7.40 32.43
N GLY A 123 -12.77 -8.37 32.13
CA GLY A 123 -11.40 -8.32 32.62
C GLY A 123 -10.38 -8.17 31.50
N PHE A 124 -9.35 -7.35 31.75
CA PHE A 124 -8.28 -7.12 30.78
C PHE A 124 -7.03 -7.59 31.46
N ALA A 125 -6.46 -8.71 31.00
CA ALA A 125 -5.44 -9.40 31.76
C ALA A 125 -4.12 -9.49 31.00
N PHE A 126 -3.03 -9.37 31.76
CA PHE A 126 -1.67 -9.48 31.24
C PHE A 126 -1.01 -10.63 31.98
N SER A 127 -0.74 -11.69 31.26
CA SER A 127 -0.30 -12.93 31.88
C SER A 127 1.14 -13.29 31.51
N PRO A 128 1.92 -13.74 32.49
CA PRO A 128 3.27 -14.23 32.16
C PRO A 128 3.20 -15.65 31.58
N GLY A 129 2.01 -16.24 31.54
CA GLY A 129 1.85 -17.62 31.07
C GLY A 129 1.67 -17.65 29.57
N VAL A 130 1.22 -18.78 29.03
CA VAL A 130 1.23 -19.02 27.58
C VAL A 130 0.20 -18.20 26.80
N LEU A 131 0.48 -17.95 25.52
CA LEU A 131 -0.46 -17.24 24.65
C LEU A 131 -1.80 -17.98 24.56
N GLY A 132 -2.89 -17.24 24.39
CA GLY A 132 -4.18 -17.85 24.07
C GLY A 132 -5.01 -18.24 25.28
N GLU A 133 -4.40 -18.27 26.45
CA GLU A 133 -5.07 -18.70 27.65
C GLU A 133 -5.88 -17.54 28.23
N THR A 134 -7.02 -17.82 28.87
CA THR A 134 -7.88 -16.80 29.46
C THR A 134 -8.17 -17.12 30.92
N GLY A 135 -8.57 -16.12 31.70
CA GLY A 135 -8.99 -16.38 33.08
C GLY A 135 -10.38 -16.97 33.12
N LEU A 136 -10.88 -17.17 34.34
CA LEU A 136 -12.14 -17.86 34.56
C LEU A 136 -13.34 -16.93 34.51
N ASN A 137 -14.51 -17.53 34.34
CA ASN A 137 -15.78 -16.81 34.46
C ASN A 137 -16.06 -16.44 35.92
N GLY A 138 -17.06 -15.60 36.16
CA GLY A 138 -17.54 -15.38 37.53
C GLY A 138 -16.74 -14.33 38.28
N ALA A 139 -16.55 -14.57 39.57
CA ALA A 139 -15.86 -13.64 40.45
C ALA A 139 -14.41 -13.36 40.02
N ALA A 140 -13.82 -14.28 39.26
CA ALA A 140 -12.47 -14.14 38.70
C ALA A 140 -12.40 -13.02 37.64
N VAL A 141 -13.57 -12.62 37.13
CA VAL A 141 -13.73 -11.58 36.09
C VAL A 141 -12.67 -11.69 34.99
N GLY A 142 -12.43 -12.90 34.51
CA GLY A 142 -11.49 -13.14 33.41
C GLY A 142 -10.00 -12.94 33.75
N ILE A 143 -9.67 -12.73 35.04
CA ILE A 143 -8.28 -12.56 35.46
C ILE A 143 -7.86 -13.71 36.41
N GLY A 144 -8.67 -13.96 37.46
CA GLY A 144 -8.48 -15.15 38.28
C GLY A 144 -8.38 -16.39 37.39
N GLY A 145 -7.49 -17.31 37.74
CA GLY A 145 -7.26 -18.47 36.89
C GLY A 145 -5.94 -18.36 36.13
N LEU A 146 -5.43 -17.14 35.98
CA LEU A 146 -4.11 -16.94 35.38
C LEU A 146 -3.09 -16.75 36.50
N SER A 147 -1.92 -17.38 36.43
CA SER A 147 -0.94 -17.26 37.53
C SER A 147 -0.05 -16.06 37.42
N ASN A 148 0.18 -15.41 38.56
CA ASN A 148 1.09 -14.27 38.67
C ASN A 148 0.82 -13.20 37.62
N ALA A 149 -0.47 -12.95 37.36
CA ALA A 149 -0.86 -11.99 36.33
C ALA A 149 -1.35 -10.71 36.97
N PHE A 150 -1.56 -9.69 36.16
CA PHE A 150 -2.16 -8.45 36.62
C PHE A 150 -3.05 -7.89 35.52
N GLY A 151 -3.87 -6.92 35.85
CA GLY A 151 -4.76 -6.35 34.85
C GLY A 151 -5.73 -5.38 35.48
N PHE A 152 -6.84 -5.15 34.78
CA PHE A 152 -7.84 -4.19 35.23
C PHE A 152 -9.20 -4.80 34.93
N LYS A 153 -10.17 -4.61 35.83
CA LYS A 153 -11.52 -5.08 35.57
C LYS A 153 -12.56 -4.00 35.73
N LEU A 154 -13.67 -4.19 35.02
CA LEU A 154 -14.86 -3.40 35.17
C LEU A 154 -15.88 -4.42 35.67
N ASP A 155 -16.31 -4.22 36.93
CA ASP A 155 -16.95 -5.28 37.70
C ASP A 155 -18.33 -4.80 38.10
N THR A 156 -19.36 -5.42 37.54
CA THR A 156 -20.74 -5.02 37.78
C THR A 156 -21.43 -5.82 38.88
N TYR A 157 -20.79 -6.88 39.38
CA TYR A 157 -21.42 -7.75 40.36
C TYR A 157 -20.56 -7.84 41.62
N HIS A 158 -21.02 -7.26 42.71
CA HIS A 158 -20.18 -7.25 43.91
C HIS A 158 -20.20 -8.58 44.60
N ASN A 159 -19.08 -9.29 44.56
CA ASN A 159 -18.99 -10.59 45.22
C ASN A 159 -18.65 -10.35 46.68
N THR A 160 -19.67 -10.22 47.51
CA THR A 160 -19.48 -9.73 48.88
C THR A 160 -18.94 -10.83 49.76
N SER A 161 -19.53 -12.01 49.68
CA SER A 161 -19.06 -13.16 50.44
C SER A 161 -17.93 -13.84 49.67
N LYS A 162 -17.10 -14.58 50.40
CA LYS A 162 -15.93 -15.25 49.83
C LYS A 162 -16.33 -16.26 48.77
N PRO A 163 -15.86 -16.06 47.52
CA PRO A 163 -16.17 -17.07 46.52
C PRO A 163 -15.56 -18.42 46.90
N ASN A 164 -16.11 -19.49 46.34
CA ASN A 164 -15.57 -20.80 46.60
C ASN A 164 -14.18 -20.95 45.98
N SER A 165 -13.52 -22.01 46.39
CA SER A 165 -12.18 -22.37 45.96
C SER A 165 -12.02 -22.39 44.44
N ALA A 166 -13.01 -22.94 43.75
CA ALA A 166 -12.98 -23.11 42.31
C ALA A 166 -13.08 -21.78 41.52
N ALA A 167 -13.54 -20.73 42.19
CA ALA A 167 -13.72 -19.44 41.53
C ALA A 167 -12.38 -18.70 41.31
N LYS A 168 -11.36 -19.05 42.11
CA LYS A 168 -10.01 -18.44 42.01
C LYS A 168 -10.06 -16.93 42.20
N ALA A 169 -10.77 -16.49 43.24
CA ALA A 169 -10.90 -15.07 43.50
C ALA A 169 -11.23 -14.83 44.97
N ASN A 170 -10.60 -13.83 45.56
CA ASN A 170 -11.05 -13.33 46.84
C ASN A 170 -12.31 -12.47 46.69
N ALA A 171 -12.98 -12.18 47.79
CA ALA A 171 -14.19 -11.34 47.74
C ALA A 171 -13.85 -9.96 47.22
N ASP A 172 -14.83 -9.29 46.58
CA ASP A 172 -14.68 -7.88 46.22
C ASP A 172 -14.59 -7.02 47.49
N PRO A 173 -13.86 -5.89 47.44
CA PRO A 173 -13.59 -5.11 48.66
C PRO A 173 -14.80 -4.35 49.18
N SER A 174 -14.85 -4.21 50.51
CA SER A 174 -15.89 -3.45 51.19
C SER A 174 -16.02 -2.04 50.71
N ASN A 175 -14.91 -1.41 50.34
CA ASN A 175 -14.97 0.00 49.96
C ASN A 175 -15.72 0.23 48.64
N VAL A 176 -16.07 -0.83 47.91
CA VAL A 176 -16.87 -0.66 46.68
C VAL A 176 -18.19 -1.42 46.75
N ALA A 177 -18.51 -1.93 47.94
CA ALA A 177 -19.79 -2.62 48.19
C ALA A 177 -20.94 -1.63 48.31
N GLY A 178 -22.16 -2.16 48.28
CA GLY A 178 -23.35 -1.37 48.64
C GLY A 178 -24.07 -0.75 47.45
N GLY A 179 -23.59 -0.99 46.23
CA GLY A 179 -24.25 -0.39 45.07
C GLY A 179 -23.36 0.31 44.08
N GLY A 180 -23.50 -0.10 42.82
CA GLY A 180 -22.70 0.51 41.75
C GLY A 180 -21.67 -0.48 41.23
N ALA A 181 -21.48 -0.49 39.91
CA ALA A 181 -20.34 -1.17 39.30
C ALA A 181 -19.08 -0.44 39.77
N PHE A 182 -17.94 -1.12 39.72
CA PHE A 182 -16.66 -0.44 40.06
C PHE A 182 -15.54 -0.87 39.12
N GLY A 183 -14.47 -0.06 39.07
CA GLY A 183 -13.26 -0.46 38.36
C GLY A 183 -12.10 -0.65 39.33
N ALA A 184 -11.18 -1.55 38.98
CA ALA A 184 -10.03 -1.82 39.85
C ALA A 184 -8.94 -2.55 39.08
N PHE A 185 -7.71 -2.30 39.50
CA PHE A 185 -6.61 -3.19 39.20
C PHE A 185 -6.83 -4.51 39.91
N VAL A 186 -6.26 -5.58 39.35
CA VAL A 186 -6.38 -6.91 39.94
C VAL A 186 -5.00 -7.56 39.79
N THR A 187 -4.57 -8.35 40.77
CA THR A 187 -3.40 -9.20 40.58
C THR A 187 -3.74 -10.61 41.02
N THR A 188 -3.03 -11.60 40.46
CA THR A 188 -3.21 -12.96 40.91
C THR A 188 -1.90 -13.49 41.49
N ASP A 189 -2.02 -14.54 42.29
CA ASP A 189 -0.85 -15.16 42.89
C ASP A 189 -0.46 -16.39 42.09
N SER A 190 0.46 -17.18 42.61
CA SER A 190 1.02 -18.29 41.84
C SER A 190 0.01 -19.38 41.69
N TYR A 191 -1.05 -19.35 42.50
CA TYR A 191 -2.14 -20.31 42.34
C TYR A 191 -3.26 -19.80 41.43
N GLY A 192 -3.12 -18.58 40.91
CA GLY A 192 -4.15 -18.03 40.03
C GLY A 192 -5.28 -17.34 40.78
N VAL A 193 -5.12 -17.15 42.08
CA VAL A 193 -6.17 -16.48 42.87
C VAL A 193 -6.14 -14.98 42.69
N ALA A 194 -7.27 -14.40 42.28
CA ALA A 194 -7.36 -12.94 42.06
C ALA A 194 -7.68 -12.17 43.32
N THR A 195 -6.93 -11.10 43.55
CA THR A 195 -7.26 -10.14 44.59
C THR A 195 -7.53 -8.82 43.91
N THR A 196 -8.70 -8.25 44.16
CA THR A 196 -8.98 -6.88 43.73
C THR A 196 -8.06 -5.91 44.46
N TYR A 197 -7.36 -5.05 43.71
CA TYR A 197 -6.38 -4.19 44.33
C TYR A 197 -7.02 -3.00 45.03
N THR A 198 -6.67 -2.78 46.29
CA THR A 198 -7.10 -1.57 46.98
C THR A 198 -5.90 -0.83 47.54
N SER A 199 -6.07 0.46 47.80
CA SER A 199 -5.00 1.25 48.37
C SER A 199 -5.58 2.43 49.12
N SER A 200 -4.71 3.20 49.75
CA SER A 200 -5.17 4.38 50.48
C SER A 200 -5.08 5.59 49.60
N SER A 201 -4.80 5.40 48.31
CA SER A 201 -4.75 6.55 47.40
C SER A 201 -5.87 6.49 46.37
N THR A 202 -6.50 7.62 46.11
CA THR A 202 -7.53 7.69 45.09
C THR A 202 -6.93 7.53 43.68
N ALA A 203 -5.60 7.66 43.55
CA ALA A 203 -4.94 7.48 42.26
C ALA A 203 -5.19 6.07 41.69
N ASP A 204 -5.17 5.05 42.54
CA ASP A 204 -5.27 3.66 42.06
C ASP A 204 -6.19 2.76 42.85
N ASN A 205 -6.86 3.30 43.88
CA ASN A 205 -7.76 2.45 44.67
C ASN A 205 -8.91 1.95 43.80
N ALA A 206 -9.45 0.79 44.14
CA ALA A 206 -10.71 0.33 43.54
C ALA A 206 -11.76 1.42 43.76
N ALA A 207 -12.59 1.70 42.76
CA ALA A 207 -13.52 2.84 42.89
C ALA A 207 -14.80 2.60 42.12
N LYS A 208 -15.91 3.03 42.68
CA LYS A 208 -17.20 2.91 41.98
C LYS A 208 -17.14 3.76 40.72
N LEU A 209 -17.75 3.30 39.64
CA LEU A 209 -17.72 4.08 38.40
C LEU A 209 -18.52 5.38 38.48
N ASN A 210 -17.89 6.48 38.10
CA ASN A 210 -18.60 7.76 37.92
C ASN A 210 -19.77 7.65 36.95
N VAL A 211 -19.59 6.87 35.88
CA VAL A 211 -20.63 6.69 34.87
C VAL A 211 -21.04 5.23 34.96
N GLN A 212 -22.19 4.98 35.60
CA GLN A 212 -22.74 3.63 35.73
C GLN A 212 -23.36 3.11 34.43
N PRO A 213 -23.29 1.77 34.19
CA PRO A 213 -23.81 1.18 32.94
C PRO A 213 -25.34 0.94 33.00
N THR A 214 -26.12 1.90 32.51
CA THR A 214 -27.56 1.90 32.70
C THR A 214 -28.35 1.63 31.42
N ASN A 215 -27.68 1.53 30.27
CA ASN A 215 -28.41 1.56 28.99
C ASN A 215 -27.70 0.98 27.78
N ASN A 216 -26.74 0.09 27.99
CA ASN A 216 -26.00 -0.56 26.90
C ASN A 216 -25.27 0.38 25.96
N THR A 217 -24.85 1.54 26.44
CA THR A 217 -24.08 2.44 25.59
C THR A 217 -22.57 2.21 25.78
N PHE A 218 -21.82 2.50 24.73
CA PHE A 218 -20.38 2.35 24.73
C PHE A 218 -19.77 3.57 25.38
N GLN A 219 -18.83 3.38 26.30
CA GLN A 219 -18.11 4.47 26.91
C GLN A 219 -16.63 4.38 26.49
N ASP A 220 -15.95 5.53 26.51
CA ASP A 220 -14.53 5.58 26.17
C ASP A 220 -13.77 4.76 27.19
N PHE A 221 -12.84 3.94 26.69
CA PHE A 221 -12.00 3.12 27.53
C PHE A 221 -10.59 3.13 26.94
N ASP A 222 -9.62 3.26 27.84
CA ASP A 222 -8.23 3.44 27.45
C ASP A 222 -7.34 2.75 28.49
N ILE A 223 -6.44 1.88 28.02
CA ILE A 223 -5.37 1.34 28.87
C ILE A 223 -4.06 1.81 28.25
N ASN A 224 -3.35 2.67 28.96
CA ASN A 224 -2.09 3.20 28.45
C ASN A 224 -0.94 2.79 29.34
N TYR A 225 0.07 2.14 28.78
CA TYR A 225 1.24 1.74 29.53
C TYR A 225 2.47 2.43 28.96
N ASN A 226 3.23 3.09 29.83
CA ASN A 226 4.42 3.84 29.44
C ASN A 226 5.63 2.95 29.70
N GLY A 227 6.29 2.52 28.63
CA GLY A 227 7.43 1.63 28.74
C GLY A 227 8.69 2.28 29.35
N ASP A 228 8.73 3.60 29.44
CA ASP A 228 9.86 4.27 30.11
C ASP A 228 9.64 4.33 31.64
N THR A 229 8.45 4.73 32.07
CA THR A 229 8.20 4.86 33.51
C THR A 229 7.59 3.63 34.18
N LYS A 230 7.03 2.73 33.36
CA LYS A 230 6.32 1.55 33.84
C LYS A 230 4.98 1.90 34.50
N VAL A 231 4.47 3.07 34.18
CA VAL A 231 3.20 3.53 34.75
C VAL A 231 2.06 3.09 33.83
N MET A 232 1.06 2.40 34.39
CA MET A 232 -0.15 2.05 33.65
C MET A 232 -1.26 3.02 34.07
N THR A 233 -1.88 3.64 33.07
CA THR A 233 -3.01 4.53 33.27
C THR A 233 -4.24 3.95 32.59
N VAL A 234 -5.31 3.75 33.35
CA VAL A 234 -6.56 3.24 32.81
C VAL A 234 -7.63 4.34 32.94
N LYS A 235 -8.36 4.59 31.86
CA LYS A 235 -9.41 5.61 31.88
C LYS A 235 -10.72 5.06 31.32
N TYR A 236 -11.79 5.15 32.12
CA TYR A 236 -13.12 4.73 31.72
C TYR A 236 -14.08 5.91 31.87
N ALA A 237 -14.66 6.34 30.75
CA ALA A 237 -15.66 7.42 30.78
C ALA A 237 -15.19 8.58 31.67
N GLY A 238 -13.97 9.06 31.44
CA GLY A 238 -13.48 10.22 32.17
C GLY A 238 -12.85 9.91 33.53
N GLN A 239 -13.02 8.70 34.05
CA GLN A 239 -12.42 8.34 35.34
C GLN A 239 -11.07 7.59 35.17
N THR A 240 -10.08 7.93 35.99
CA THR A 240 -8.70 7.43 35.80
C THR A 240 -8.21 6.58 36.98
N TRP A 241 -7.49 5.50 36.69
CA TRP A 241 -6.67 4.77 37.67
C TRP A 241 -5.25 4.78 37.15
N THR A 242 -4.28 5.11 38.01
CA THR A 242 -2.88 5.27 37.58
C THR A 242 -1.95 4.60 38.57
N ARG A 243 -1.01 3.79 38.08
CA ARG A 243 -0.06 3.12 38.97
C ARG A 243 1.21 2.68 38.26
N ASN A 244 2.34 2.91 38.92
CA ASN A 244 3.59 2.24 38.54
C ASN A 244 3.49 0.74 38.77
N ILE A 245 3.60 -0.05 37.71
CA ILE A 245 3.44 -1.49 37.84
C ILE A 245 4.76 -2.29 37.77
N SER A 246 5.89 -1.61 37.97
CA SER A 246 7.18 -2.30 38.04
C SER A 246 7.16 -3.51 38.97
N ASP A 247 6.48 -3.38 40.10
CA ASP A 247 6.45 -4.46 41.08
C ASP A 247 5.67 -5.69 40.60
N TRP A 248 4.53 -5.46 39.97
CA TRP A 248 3.77 -6.59 39.45
C TRP A 248 4.48 -7.27 38.30
N ILE A 249 5.14 -6.47 37.46
CA ILE A 249 5.96 -7.04 36.37
C ILE A 249 7.05 -7.89 36.97
N ALA A 250 7.75 -7.38 38.00
CA ALA A 250 8.83 -8.21 38.60
C ALA A 250 8.26 -9.49 39.23
N LYS A 251 7.13 -9.37 39.92
CA LYS A 251 6.47 -10.55 40.51
C LYS A 251 6.03 -11.60 39.46
N SER A 252 5.81 -11.20 38.22
CA SER A 252 5.32 -12.15 37.21
C SER A 252 6.44 -13.06 36.69
N GLY A 253 7.70 -12.67 36.91
CA GLY A 253 8.83 -13.49 36.48
C GLY A 253 9.25 -13.27 35.02
N THR A 254 8.66 -12.31 34.32
CA THR A 254 9.02 -12.05 32.92
C THR A 254 8.73 -10.60 32.60
N THR A 255 9.16 -10.16 31.41
CA THR A 255 8.80 -8.84 30.92
C THR A 255 7.93 -8.93 29.67
N ASN A 256 7.59 -10.14 29.22
CA ASN A 256 6.70 -10.25 28.05
C ASN A 256 5.39 -10.97 28.40
N PHE A 257 4.28 -10.47 27.88
CA PHE A 257 2.96 -10.86 28.40
C PHE A 257 1.96 -11.27 27.34
N SER A 258 1.03 -12.11 27.75
CA SER A 258 -0.11 -12.51 26.94
C SER A 258 -1.34 -11.69 27.36
N LEU A 259 -1.92 -10.97 26.41
CA LEU A 259 -3.05 -10.11 26.68
C LEU A 259 -4.33 -10.89 26.35
N SER A 260 -5.27 -10.85 27.29
CA SER A 260 -6.63 -11.36 27.03
C SER A 260 -7.66 -10.33 27.49
N MET A 261 -8.82 -10.31 26.84
CA MET A 261 -9.96 -9.51 27.28
C MET A 261 -11.14 -10.48 27.35
N THR A 262 -11.73 -10.62 28.54
CA THR A 262 -12.62 -11.77 28.80
C THR A 262 -13.82 -11.27 29.59
N ALA A 263 -15.01 -11.74 29.24
CA ALA A 263 -16.20 -11.39 30.00
C ALA A 263 -17.04 -12.63 30.17
N SER A 264 -17.83 -12.64 31.23
CA SER A 264 -18.72 -13.77 31.47
C SER A 264 -20.06 -13.28 32.06
N THR A 265 -21.04 -14.17 32.04
CA THR A 265 -22.27 -13.99 32.80
C THR A 265 -22.47 -15.31 33.55
N GLY A 266 -23.27 -15.29 34.61
CA GLY A 266 -23.62 -16.53 35.29
C GLY A 266 -25.12 -16.49 35.47
N GLY A 267 -25.54 -16.36 36.73
CA GLY A 267 -26.94 -16.12 37.06
C GLY A 267 -27.26 -14.65 36.87
N ALA A 268 -26.21 -13.79 36.93
CA ALA A 268 -26.35 -12.37 36.60
C ALA A 268 -25.77 -12.14 35.18
N THR A 269 -26.33 -11.17 34.43
CA THR A 269 -26.04 -11.10 33.00
C THR A 269 -25.91 -9.67 32.48
N ASN A 270 -25.31 -9.53 31.32
CA ASN A 270 -25.21 -8.25 30.62
C ASN A 270 -24.69 -8.50 29.22
N LEU A 271 -25.14 -7.67 28.28
CA LEU A 271 -24.45 -7.53 27.01
C LEU A 271 -23.09 -6.83 27.34
N GLN A 272 -21.99 -7.49 26.99
CA GLN A 272 -20.65 -6.98 27.31
C GLN A 272 -19.77 -6.98 26.05
N GLN A 273 -19.25 -5.81 25.69
CA GLN A 273 -18.67 -5.59 24.36
C GLN A 273 -17.47 -4.67 24.44
N VAL A 274 -16.50 -4.91 23.56
CA VAL A 274 -15.33 -4.04 23.45
C VAL A 274 -15.23 -3.60 21.99
N GLN A 275 -15.14 -2.30 21.76
CA GLN A 275 -15.01 -1.78 20.40
C GLN A 275 -13.59 -1.28 20.08
N PHE A 276 -13.06 -1.85 19.01
CA PHE A 276 -11.81 -1.43 18.41
C PHE A 276 -12.15 -0.38 17.34
N GLY A 277 -11.57 0.81 17.40
CA GLY A 277 -10.51 1.17 18.36
C GLY A 277 -9.19 0.53 17.95
N THR A 278 -8.15 0.71 18.77
CA THR A 278 -6.83 0.17 18.41
C THR A 278 -6.08 -0.38 19.60
N PHE A 279 -5.19 -1.34 19.35
CA PHE A 279 -4.23 -1.77 20.37
C PHE A 279 -2.81 -1.76 19.80
N GLU A 280 -1.95 -0.94 20.42
CA GLU A 280 -0.57 -0.75 19.97
C GLU A 280 0.34 -1.45 20.95
N TYR A 281 1.36 -2.14 20.43
CA TYR A 281 2.31 -2.83 21.29
C TYR A 281 3.56 -3.13 20.48
N THR A 282 4.64 -3.45 21.18
CA THR A 282 5.85 -3.96 20.53
C THR A 282 5.94 -5.45 20.80
N GLU A 283 6.18 -6.21 19.73
CA GLU A 283 6.31 -7.68 19.77
C GLU A 283 7.47 -8.21 20.63
N SER A 284 7.21 -9.33 21.28
CA SER A 284 8.25 -10.14 21.87
C SER A 284 8.07 -11.59 21.38
N ALA A 285 9.12 -12.39 21.43
CA ALA A 285 9.04 -13.81 21.05
C ALA A 285 8.48 -14.00 19.64
N VAL A 286 9.06 -13.28 18.70
CA VAL A 286 8.72 -13.38 17.28
C VAL A 286 9.98 -13.63 16.45
N THR A 287 9.77 -14.17 15.25
CA THR A 287 10.82 -14.15 14.23
C THR A 287 10.24 -13.52 12.98
N GLN A 288 10.94 -12.54 12.44
CA GLN A 288 10.56 -11.92 11.18
C GLN A 288 11.20 -12.76 10.08
N VAL A 289 10.46 -13.04 9.02
CA VAL A 289 11.04 -13.73 7.86
C VAL A 289 10.83 -12.83 6.64
N ARG A 290 11.93 -12.49 5.98
CA ARG A 290 11.89 -11.64 4.77
C ARG A 290 12.36 -12.43 3.55
N TYR A 291 11.85 -12.04 2.40
CA TYR A 291 12.12 -12.65 1.10
C TYR A 291 12.63 -11.50 0.22
N VAL A 292 13.95 -11.47 0.03
CA VAL A 292 14.65 -10.27 -0.42
C VAL A 292 15.40 -10.49 -1.74
N ASP A 293 15.25 -9.51 -2.61
CA ASP A 293 15.93 -9.45 -3.89
C ASP A 293 17.41 -9.14 -3.65
N VAL A 294 18.25 -10.11 -3.97
CA VAL A 294 19.69 -9.98 -3.69
C VAL A 294 20.29 -8.76 -4.40
N THR A 295 19.76 -8.40 -5.55
CA THR A 295 20.33 -7.32 -6.33
C THR A 295 19.97 -5.95 -5.74
N THR A 296 18.70 -5.77 -5.35
CA THR A 296 18.19 -4.45 -4.91
C THR A 296 18.10 -4.30 -3.39
N GLY A 297 18.02 -5.42 -2.69
CA GLY A 297 17.87 -5.37 -1.24
C GLY A 297 16.41 -5.16 -0.85
N LYS A 298 15.50 -5.19 -1.83
CA LYS A 298 14.08 -4.95 -1.57
C LYS A 298 13.31 -6.23 -1.29
N ASP A 299 12.26 -6.10 -0.48
CA ASP A 299 11.32 -7.20 -0.25
C ASP A 299 10.61 -7.53 -1.55
N ILE A 300 10.58 -8.80 -1.93
CA ILE A 300 9.91 -9.23 -3.14
C ILE A 300 8.44 -9.51 -2.88
N ILE A 301 8.14 -10.17 -1.76
CA ILE A 301 6.78 -10.45 -1.33
C ILE A 301 6.71 -9.98 0.12
N PRO A 302 5.48 -9.88 0.68
CA PRO A 302 5.39 -9.38 2.05
C PRO A 302 6.19 -10.26 3.02
N PRO A 303 6.84 -9.65 4.02
CA PRO A 303 7.54 -10.48 5.02
C PRO A 303 6.52 -11.16 5.90
N LYS A 304 6.96 -12.12 6.70
CA LYS A 304 6.03 -12.84 7.53
C LYS A 304 6.55 -12.77 8.96
N THR A 305 5.66 -12.65 9.92
CA THR A 305 6.06 -12.65 11.33
C THR A 305 5.50 -13.92 11.94
N TYR A 306 6.39 -14.70 12.56
CA TYR A 306 5.94 -15.86 13.32
C TYR A 306 6.00 -15.50 14.79
N SER A 307 5.00 -15.90 15.54
CA SER A 307 4.91 -15.61 16.98
C SER A 307 4.85 -16.91 17.75
N GLY A 308 5.30 -16.88 18.99
CA GLY A 308 5.16 -18.06 19.83
C GLY A 308 5.41 -17.66 21.27
N ASN A 309 5.41 -18.64 22.15
CA ASN A 309 5.88 -18.43 23.52
C ASN A 309 7.39 -18.48 23.51
N VAL A 310 8.03 -17.93 24.55
CA VAL A 310 9.48 -18.07 24.69
C VAL A 310 9.81 -19.56 24.73
N ASP A 311 10.89 -19.96 24.06
CA ASP A 311 11.30 -21.36 23.92
C ASP A 311 10.47 -22.21 22.99
N GLN A 312 9.42 -21.66 22.40
CA GLN A 312 8.66 -22.44 21.45
C GLN A 312 9.41 -22.58 20.12
N VAL A 313 9.44 -23.79 19.59
CA VAL A 313 10.11 -24.09 18.32
C VAL A 313 9.07 -24.01 17.23
N VAL A 314 9.37 -23.24 16.19
CA VAL A 314 8.35 -22.89 15.17
C VAL A 314 9.00 -23.13 13.81
N THR A 315 8.27 -23.81 12.91
CA THR A 315 8.71 -23.99 11.52
C THR A 315 8.36 -22.77 10.66
N ILE A 316 9.35 -22.24 9.95
CA ILE A 316 9.12 -21.13 9.05
C ILE A 316 9.19 -21.58 7.59
N ASP A 317 8.65 -20.76 6.70
CA ASP A 317 8.46 -21.14 5.30
C ASP A 317 9.30 -20.22 4.41
N ASN A 318 10.16 -20.81 3.58
CA ASN A 318 10.97 -20.01 2.66
C ASN A 318 10.19 -19.57 1.40
N GLN A 319 8.96 -20.05 1.28
CA GLN A 319 8.04 -19.72 0.18
C GLN A 319 8.68 -19.90 -1.20
N GLN A 320 9.58 -20.87 -1.36
CA GLN A 320 10.24 -21.06 -2.65
C GLN A 320 9.29 -21.09 -3.85
N SER A 321 8.20 -21.83 -3.74
CA SER A 321 7.32 -22.00 -4.91
C SER A 321 6.65 -20.69 -5.31
N ALA A 322 6.31 -19.86 -4.33
CA ALA A 322 5.81 -18.50 -4.62
C ALA A 322 6.86 -17.62 -5.32
N LEU A 323 8.12 -17.70 -4.89
CA LEU A 323 9.19 -16.93 -5.53
C LEU A 323 9.49 -17.39 -6.94
N THR A 324 9.50 -18.70 -7.15
CA THR A 324 9.66 -19.27 -8.48
C THR A 324 8.59 -18.73 -9.42
N ALA A 325 7.34 -18.70 -8.96
CA ALA A 325 6.22 -18.25 -9.80
C ALA A 325 6.41 -16.79 -10.17
N LYS A 326 7.19 -16.07 -9.38
CA LYS A 326 7.46 -14.68 -9.65
C LYS A 326 8.78 -14.45 -10.39
N GLY A 327 9.38 -15.52 -10.92
CA GLY A 327 10.59 -15.40 -11.72
C GLY A 327 11.85 -15.16 -10.91
N TYR A 328 11.89 -15.75 -9.71
CA TYR A 328 13.05 -15.66 -8.84
C TYR A 328 13.60 -17.05 -8.50
N ASN A 329 14.93 -17.16 -8.43
CA ASN A 329 15.61 -18.38 -8.02
C ASN A 329 16.24 -18.19 -6.64
N TYR A 330 16.15 -19.23 -5.82
CA TYR A 330 16.77 -19.21 -4.51
C TYR A 330 18.25 -18.87 -4.58
N THR A 331 18.76 -18.07 -3.64
CA THR A 331 20.16 -17.72 -3.62
C THR A 331 20.85 -18.19 -2.32
N SER A 332 20.36 -17.74 -1.16
CA SER A 332 20.98 -18.11 0.13
C SER A 332 20.03 -17.75 1.28
N VAL A 333 20.42 -18.13 2.50
CA VAL A 333 19.68 -17.73 3.70
C VAL A 333 20.69 -17.00 4.57
N ASP A 334 20.27 -15.87 5.14
CA ASP A 334 21.08 -15.18 6.13
C ASP A 334 20.34 -15.26 7.46
N SER A 335 20.87 -16.04 8.39
CA SER A 335 20.24 -16.20 9.70
C SER A 335 21.10 -15.59 10.79
N SER A 336 21.93 -14.61 10.44
CA SER A 336 22.78 -14.03 11.49
C SER A 336 21.94 -13.31 12.56
N TYR A 337 20.71 -12.89 12.22
CA TYR A 337 19.82 -12.28 13.25
C TYR A 337 18.87 -13.29 13.89
N ALA A 338 19.16 -14.57 13.70
CA ALA A 338 18.39 -15.65 14.31
C ALA A 338 19.32 -16.81 14.66
N SER A 339 20.10 -16.66 15.74
CA SER A 339 21.07 -17.68 16.11
C SER A 339 20.43 -19.04 16.39
N THR A 340 19.12 -19.09 16.66
CA THR A 340 18.45 -20.36 16.92
C THR A 340 18.02 -21.08 15.63
N TYR A 341 18.23 -20.46 14.47
CA TYR A 341 17.72 -21.00 13.21
C TYR A 341 18.37 -22.34 12.88
N ASN A 342 17.56 -23.30 12.43
CA ASN A 342 18.13 -24.57 11.97
C ASN A 342 17.73 -24.75 10.52
N ASP A 343 18.69 -24.65 9.59
CA ASP A 343 18.34 -24.62 8.16
C ASP A 343 17.85 -25.97 7.65
N THR A 344 18.22 -27.06 8.33
CA THR A 344 17.77 -28.40 7.92
C THR A 344 16.28 -28.55 8.16
N ASN A 345 15.84 -28.23 9.38
CA ASN A 345 14.44 -28.33 9.77
C ASN A 345 13.62 -27.06 9.49
N LYS A 346 14.29 -25.97 9.13
CA LYS A 346 13.62 -24.67 8.91
C LYS A 346 12.87 -24.23 10.17
N THR A 347 13.51 -24.36 11.33
CA THR A 347 12.89 -23.95 12.57
C THR A 347 13.70 -22.83 13.22
N VAL A 348 12.98 -22.07 14.07
CA VAL A 348 13.59 -21.13 14.99
C VAL A 348 13.06 -21.47 16.37
N LYS A 349 13.73 -21.00 17.41
CA LYS A 349 13.24 -21.17 18.78
C LYS A 349 13.04 -19.76 19.35
N MET A 350 11.80 -19.42 19.71
CA MET A 350 11.52 -18.01 20.12
C MET A 350 12.28 -17.61 21.38
N THR A 351 12.78 -16.38 21.41
CA THR A 351 13.41 -15.79 22.60
C THR A 351 12.57 -14.59 23.00
N ASN A 352 12.85 -14.00 24.17
CA ASN A 352 12.23 -12.71 24.48
C ASN A 352 12.43 -11.70 23.35
N ALA A 353 13.68 -11.49 22.93
CA ALA A 353 13.99 -10.56 21.84
C ALA A 353 13.52 -11.13 20.50
N GLY A 354 13.18 -10.27 19.57
CA GLY A 354 12.79 -10.74 18.23
C GLY A 354 14.02 -11.30 17.51
N GLN A 355 13.80 -12.23 16.59
CA GLN A 355 14.82 -12.69 15.68
C GLN A 355 14.39 -12.37 14.25
N SER A 356 15.32 -12.51 13.31
CA SER A 356 14.99 -12.31 11.93
C SER A 356 15.77 -13.26 11.02
N VAL A 357 15.09 -13.82 10.04
CA VAL A 357 15.73 -14.65 9.00
C VAL A 357 15.45 -14.00 7.65
N THR A 358 16.48 -13.84 6.82
CA THR A 358 16.27 -13.35 5.44
C THR A 358 16.59 -14.43 4.41
N TYR A 359 15.61 -14.74 3.57
CA TYR A 359 15.86 -15.60 2.39
C TYR A 359 16.12 -14.70 1.20
N TYR A 360 17.26 -14.89 0.53
CA TYR A 360 17.65 -14.11 -0.65
C TYR A 360 17.37 -14.88 -1.94
N PHE A 361 16.92 -14.14 -2.96
CA PHE A 361 16.54 -14.71 -4.26
C PHE A 361 17.09 -13.80 -5.36
N THR A 362 17.30 -14.37 -6.54
CA THR A 362 17.80 -13.62 -7.68
C THR A 362 16.72 -13.58 -8.75
N ASP A 363 16.52 -12.39 -9.31
CA ASP A 363 15.59 -12.20 -10.43
C ASP A 363 16.16 -12.85 -11.69
N VAL A 364 15.47 -13.85 -12.22
CA VAL A 364 15.95 -14.60 -13.39
C VAL A 364 14.99 -14.49 -14.61
N LYS A 365 14.23 -13.38 -14.68
CA LYS A 365 13.33 -13.16 -15.82
C LYS A 365 13.63 -11.83 -16.48
N ALA A 366 13.79 -11.85 -17.79
CA ALA A 366 14.09 -10.65 -18.56
C ALA A 366 12.83 -9.79 -18.65
N PRO A 367 12.99 -8.46 -18.74
CA PRO A 367 11.85 -7.56 -18.95
C PRO A 367 11.25 -7.76 -20.34
N THR A 368 10.02 -7.29 -20.54
CA THR A 368 9.28 -7.42 -21.82
C THR A 368 8.97 -6.00 -22.33
N VAL A 369 9.28 -5.75 -23.59
CA VAL A 369 8.87 -4.51 -24.27
C VAL A 369 7.85 -4.90 -25.33
N THR A 370 6.70 -4.25 -25.31
CA THR A 370 5.71 -4.47 -26.36
C THR A 370 5.52 -3.18 -27.18
N VAL A 371 5.87 -3.26 -28.46
CA VAL A 371 5.80 -2.12 -29.38
C VAL A 371 5.47 -2.63 -30.76
N GLY A 372 4.34 -2.20 -31.31
CA GLY A 372 3.96 -2.53 -32.68
C GLY A 372 4.70 -1.70 -33.73
N ASN A 373 4.65 -2.14 -34.98
CA ASN A 373 5.19 -1.38 -36.09
C ASN A 373 4.57 0.01 -36.24
N GLN A 374 5.37 0.96 -36.73
CA GLN A 374 4.94 2.36 -36.80
C GLN A 374 5.06 2.94 -38.21
N THR A 375 4.07 3.77 -38.56
CA THR A 375 4.08 4.59 -39.78
C THR A 375 3.92 6.05 -39.39
N ILE A 376 4.96 6.86 -39.64
CA ILE A 376 4.92 8.27 -39.30
C ILE A 376 5.19 9.16 -40.54
N GLU A 377 4.74 10.41 -40.51
CA GLU A 377 4.86 11.31 -41.66
C GLU A 377 6.15 12.10 -41.63
N VAL A 378 6.91 12.10 -42.72
CA VAL A 378 8.16 12.88 -42.79
C VAL A 378 7.92 14.38 -42.48
N GLY A 379 8.91 15.03 -41.88
CA GLY A 379 8.84 16.45 -41.57
C GLY A 379 7.77 16.93 -40.60
N LYS A 380 7.04 15.99 -40.01
CA LYS A 380 6.09 16.32 -38.94
C LYS A 380 6.61 15.82 -37.58
N THR A 381 6.32 16.56 -36.52
CA THR A 381 6.67 16.13 -35.18
C THR A 381 5.79 14.92 -34.81
N MET A 382 6.42 13.77 -34.60
CA MET A 382 5.70 12.53 -34.28
C MET A 382 5.16 12.60 -32.84
N ASN A 383 4.03 11.96 -32.57
CA ASN A 383 3.68 11.78 -31.16
C ASN A 383 4.51 10.61 -30.61
N PRO A 384 5.05 10.76 -29.37
CA PRO A 384 6.02 9.83 -28.81
C PRO A 384 5.61 8.37 -28.91
N ILE A 385 6.56 7.50 -29.26
CA ILE A 385 6.38 6.05 -29.15
C ILE A 385 6.91 5.64 -27.78
N VAL A 386 5.99 5.26 -26.88
CA VAL A 386 6.36 4.85 -25.53
C VAL A 386 6.81 3.39 -25.57
N LEU A 387 8.03 3.13 -25.10
CA LEU A 387 8.57 1.78 -25.13
C LEU A 387 8.10 1.03 -23.89
N THR A 388 6.83 0.61 -23.92
CA THR A 388 6.15 0.03 -22.77
C THR A 388 6.86 -1.23 -22.31
N THR A 389 7.44 -1.18 -21.11
CA THR A 389 8.17 -2.32 -20.58
C THR A 389 7.58 -2.79 -19.26
N THR A 390 7.51 -4.10 -19.11
CA THR A 390 7.14 -4.67 -17.83
C THR A 390 8.28 -5.61 -17.40
N ASP A 391 8.42 -5.76 -16.09
CA ASP A 391 9.36 -6.72 -15.52
C ASP A 391 8.83 -7.28 -14.21
N ASN A 392 9.23 -8.51 -13.89
CA ASN A 392 8.84 -9.19 -12.66
C ASN A 392 9.56 -8.67 -11.42
N GLY A 393 10.63 -7.89 -11.60
CA GLY A 393 11.58 -7.63 -10.53
C GLY A 393 11.28 -6.44 -9.66
N THR A 394 12.22 -6.08 -8.80
CA THR A 394 12.05 -4.98 -7.87
C THR A 394 12.91 -3.76 -8.23
N GLY A 395 13.71 -3.85 -9.28
CA GLY A 395 14.68 -2.79 -9.53
C GLY A 395 14.38 -1.96 -10.77
N THR A 396 15.38 -1.21 -11.22
CA THR A 396 15.23 -0.40 -12.42
C THR A 396 15.40 -1.24 -13.68
N VAL A 397 14.68 -0.85 -14.74
CA VAL A 397 14.84 -1.42 -16.07
C VAL A 397 15.35 -0.31 -16.99
N THR A 398 16.40 -0.60 -17.77
CA THR A 398 16.98 0.34 -18.72
C THR A 398 16.77 -0.16 -20.15
N ASN A 399 16.25 0.74 -21.00
CA ASN A 399 16.13 0.46 -22.44
C ASN A 399 17.21 1.20 -23.20
N THR A 400 17.87 0.50 -24.11
CA THR A 400 18.79 1.17 -25.03
C THR A 400 18.31 0.88 -26.43
N VAL A 401 18.31 1.92 -27.26
CA VAL A 401 17.63 1.90 -28.55
C VAL A 401 18.61 2.22 -29.68
N THR A 402 18.55 1.43 -30.75
CA THR A 402 19.40 1.66 -31.91
C THR A 402 18.58 1.47 -33.19
N GLY A 403 19.09 2.04 -34.28
CA GLY A 403 18.48 1.93 -35.61
C GLY A 403 17.38 2.94 -35.89
N LEU A 404 17.34 4.03 -35.11
CA LEU A 404 16.30 5.05 -35.26
C LEU A 404 16.45 5.82 -36.58
N PRO A 405 15.33 6.14 -37.25
CA PRO A 405 15.40 7.04 -38.41
C PRO A 405 16.02 8.39 -38.04
N SER A 406 16.70 9.03 -39.01
CA SER A 406 17.27 10.37 -38.79
C SER A 406 16.23 11.35 -38.28
N GLY A 407 16.63 12.17 -37.34
CA GLY A 407 15.72 13.11 -36.71
C GLY A 407 15.02 12.56 -35.49
N LEU A 408 14.97 11.24 -35.31
CA LEU A 408 14.32 10.68 -34.12
C LEU A 408 15.33 10.45 -33.02
N SER A 409 14.88 10.47 -31.77
CA SER A 409 15.76 10.06 -30.69
C SER A 409 15.00 9.36 -29.57
N TYR A 410 15.74 8.66 -28.71
CA TYR A 410 15.16 8.00 -27.54
C TYR A 410 15.30 8.91 -26.33
N ASP A 411 14.17 9.24 -25.73
CA ASP A 411 14.21 10.03 -24.52
C ASP A 411 14.08 9.11 -23.28
N SER A 412 15.19 8.97 -22.54
CA SER A 412 15.25 8.18 -21.30
C SER A 412 14.16 8.58 -20.33
N ALA A 413 14.21 9.85 -19.91
CA ALA A 413 13.25 10.43 -18.97
C ALA A 413 11.80 10.02 -19.20
N THR A 414 11.34 9.99 -20.45
CA THR A 414 9.96 9.59 -20.73
C THR A 414 9.85 8.19 -21.34
N ASN A 415 10.98 7.51 -21.50
CA ASN A 415 11.02 6.18 -22.13
C ASN A 415 10.25 6.14 -23.46
N SER A 416 10.58 7.08 -24.35
CA SER A 416 9.82 7.32 -25.56
C SER A 416 10.70 7.68 -26.73
N ILE A 417 10.28 7.28 -27.92
CA ILE A 417 10.91 7.73 -29.14
C ILE A 417 10.20 9.03 -29.57
N ILE A 418 10.98 10.11 -29.63
CA ILE A 418 10.49 11.45 -29.97
C ILE A 418 11.24 12.01 -31.19
N GLY A 419 10.70 13.12 -31.75
CA GLY A 419 11.40 13.89 -32.76
C GLY A 419 10.61 14.14 -34.03
N THR A 420 11.30 14.66 -35.05
CA THR A 420 10.73 14.84 -36.38
C THR A 420 11.56 14.05 -37.38
N PRO A 421 10.96 13.03 -38.01
CA PRO A 421 11.75 12.28 -38.99
C PRO A 421 12.06 13.16 -40.21
N THR A 422 13.31 13.15 -40.66
CA THR A 422 13.71 14.05 -41.74
C THR A 422 13.86 13.33 -43.07
N LYS A 423 13.69 12.02 -43.07
CA LYS A 423 13.99 11.24 -44.26
C LYS A 423 13.04 10.08 -44.51
N ILE A 424 12.47 10.04 -45.71
CA ILE A 424 11.65 8.93 -46.19
C ILE A 424 12.40 7.61 -46.09
N GLY A 425 11.69 6.55 -45.74
CA GLY A 425 12.26 5.21 -45.68
C GLY A 425 11.79 4.42 -44.47
N GLN A 426 12.20 3.16 -44.42
CA GLN A 426 11.86 2.27 -43.32
C GLN A 426 13.07 1.85 -42.47
N SER A 427 12.92 1.92 -41.16
CA SER A 427 13.96 1.50 -40.21
C SER A 427 13.54 0.30 -39.37
N THR A 428 14.50 -0.58 -39.07
CA THR A 428 14.30 -1.59 -38.03
C THR A 428 14.90 -1.04 -36.76
N VAL A 429 14.05 -0.85 -35.76
CA VAL A 429 14.50 -0.32 -34.49
C VAL A 429 14.67 -1.49 -33.51
N THR A 430 15.83 -1.53 -32.87
CA THR A 430 16.12 -2.58 -31.90
C THR A 430 16.13 -1.97 -30.52
N VAL A 431 15.34 -2.58 -29.62
CA VAL A 431 15.31 -2.18 -28.22
C VAL A 431 15.87 -3.33 -27.38
N VAL A 432 16.95 -3.03 -26.67
CA VAL A 432 17.52 -3.98 -25.72
C VAL A 432 17.10 -3.52 -24.33
N SER A 433 16.32 -4.37 -23.66
CA SER A 433 15.79 -4.05 -22.33
C SER A 433 16.54 -4.84 -21.23
N THR A 434 17.11 -4.14 -20.26
CA THR A 434 17.97 -4.75 -19.26
C THR A 434 17.49 -4.38 -17.86
N ASP A 435 17.17 -5.39 -17.04
CA ASP A 435 16.80 -5.11 -15.65
C ASP A 435 18.03 -4.97 -14.78
N GLN A 436 17.84 -4.65 -13.51
CA GLN A 436 18.97 -4.37 -12.65
C GLN A 436 19.80 -5.65 -12.36
N ALA A 437 19.18 -6.81 -12.50
CA ALA A 437 19.86 -8.09 -12.30
C ALA A 437 20.51 -8.59 -13.60
N ASN A 438 20.55 -7.71 -14.61
CA ASN A 438 21.20 -8.01 -15.89
C ASN A 438 20.54 -9.09 -16.70
N ASN A 439 19.25 -9.32 -16.49
CA ASN A 439 18.48 -10.07 -17.46
C ASN A 439 18.21 -9.12 -18.65
N LYS A 440 18.25 -9.68 -19.87
CA LYS A 440 18.21 -8.88 -21.10
C LYS A 440 17.22 -9.49 -22.04
N SER A 441 16.40 -8.65 -22.67
CA SER A 441 15.70 -9.09 -23.87
C SER A 441 15.94 -8.07 -24.99
N THR A 442 15.67 -8.47 -26.21
CA THR A 442 15.81 -7.54 -27.33
C THR A 442 14.58 -7.69 -28.17
N THR A 443 14.02 -6.55 -28.56
CA THR A 443 12.83 -6.51 -29.40
C THR A 443 13.14 -5.60 -30.59
N THR A 444 12.58 -5.95 -31.75
CA THR A 444 12.67 -5.09 -32.92
C THR A 444 11.27 -4.78 -33.43
N PHE A 445 11.12 -3.61 -34.00
CA PHE A 445 9.90 -3.22 -34.70
C PHE A 445 10.30 -2.26 -35.82
N THR A 446 9.41 -2.04 -36.77
CA THR A 446 9.74 -1.15 -37.89
C THR A 446 9.07 0.21 -37.74
N ILE A 447 9.83 1.26 -38.06
CA ILE A 447 9.25 2.60 -38.25
C ILE A 447 9.33 2.92 -39.74
N ASN A 448 8.17 3.06 -40.35
CA ASN A 448 8.08 3.46 -41.74
C ASN A 448 7.81 4.97 -41.83
N VAL A 449 8.82 5.73 -42.27
CA VAL A 449 8.65 7.16 -42.47
C VAL A 449 8.17 7.37 -43.91
N VAL A 450 6.95 7.89 -44.03
CA VAL A 450 6.34 8.13 -45.34
C VAL A 450 6.04 9.61 -45.62
N ASP A 451 5.78 9.90 -46.89
CA ASP A 451 5.31 11.21 -47.34
C ASP A 451 3.98 11.08 -48.06
N THR A 452 2.94 11.63 -47.44
CA THR A 452 1.59 11.58 -48.00
C THR A 452 0.99 12.99 -48.00
N THR A 453 1.82 14.00 -47.70
CA THR A 453 1.38 15.38 -47.68
C THR A 453 1.83 16.05 -48.97
N ALA A 454 0.91 16.72 -49.65
CA ALA A 454 1.22 17.37 -50.92
C ALA A 454 1.96 18.69 -50.67
N PRO A 455 2.68 19.20 -51.69
CA PRO A 455 3.40 20.45 -51.47
C PRO A 455 2.41 21.60 -51.26
N THR A 456 2.84 22.62 -50.52
CA THR A 456 2.08 23.86 -50.44
C THR A 456 2.73 24.88 -51.38
N VAL A 457 1.93 25.84 -51.85
CA VAL A 457 2.35 26.77 -52.90
C VAL A 457 1.89 28.16 -52.49
N THR A 458 2.80 29.13 -52.44
CA THR A 458 2.38 30.52 -52.18
C THR A 458 1.32 30.93 -53.21
N PRO A 459 0.20 31.53 -52.74
CA PRO A 459 -0.83 31.91 -53.71
C PRO A 459 -0.30 32.97 -54.68
N ILE A 460 -0.75 32.87 -55.93
CA ILE A 460 -0.47 33.89 -56.94
C ILE A 460 -1.79 34.59 -57.32
N GLY A 461 -1.85 35.90 -57.08
CA GLY A 461 -3.02 36.71 -57.45
C GLY A 461 -3.26 36.66 -58.95
N ASP A 462 -4.49 36.97 -59.36
CA ASP A 462 -4.82 37.09 -60.78
C ASP A 462 -3.98 38.18 -61.42
N GLN A 463 -3.58 38.00 -62.67
CA GLN A 463 -2.66 38.98 -63.28
C GLN A 463 -3.28 39.70 -64.46
N SER A 464 -2.76 40.89 -64.74
CA SER A 464 -3.19 41.66 -65.91
C SER A 464 -2.03 42.46 -66.46
N SER A 465 -1.81 42.37 -67.77
CA SER A 465 -0.79 43.23 -68.38
C SER A 465 -1.09 43.48 -69.88
N GLU A 466 -0.41 44.46 -70.46
CA GLU A 466 -0.69 44.87 -71.86
C GLU A 466 -0.07 43.94 -72.88
N VAL A 467 -0.82 43.62 -73.93
CA VAL A 467 -0.29 42.88 -75.04
C VAL A 467 1.03 43.53 -75.55
N TYR A 468 1.99 42.70 -75.93
CA TYR A 468 3.30 43.16 -76.44
C TYR A 468 4.22 43.86 -75.42
N SER A 469 3.86 43.89 -74.14
CA SER A 469 4.80 44.35 -73.12
C SER A 469 5.45 43.18 -72.37
N PRO A 470 6.78 43.25 -72.19
CA PRO A 470 7.39 42.16 -71.43
C PRO A 470 6.95 42.27 -69.98
N ILE A 471 6.74 41.14 -69.34
CA ILE A 471 6.24 41.17 -67.97
C ILE A 471 7.38 41.10 -66.95
N SER A 472 7.05 41.52 -65.74
CA SER A 472 7.89 41.26 -64.58
C SER A 472 7.73 39.77 -64.26
N PRO A 473 8.83 39.01 -64.11
CA PRO A 473 8.69 37.55 -63.94
C PRO A 473 7.87 37.21 -62.70
N ILE A 474 7.04 36.19 -62.82
CA ILE A 474 6.21 35.72 -61.73
C ILE A 474 6.90 34.49 -61.15
N LYS A 475 7.16 34.56 -59.85
CA LYS A 475 7.90 33.52 -59.16
C LYS A 475 6.89 32.49 -58.62
N ILE A 476 7.14 31.20 -58.87
CA ILE A 476 6.36 30.13 -58.25
C ILE A 476 7.13 29.59 -57.03
N ALA A 477 6.60 29.80 -55.83
CA ALA A 477 7.29 29.45 -54.59
C ALA A 477 6.55 28.31 -53.91
N THR A 478 7.25 27.19 -53.71
CA THR A 478 6.66 26.02 -53.06
C THR A 478 7.37 25.66 -51.76
N GLN A 479 6.71 24.85 -50.94
CA GLN A 479 7.36 24.30 -49.78
C GLN A 479 6.77 22.91 -49.58
N ASP A 480 7.55 22.01 -48.97
CA ASP A 480 7.08 20.65 -48.75
C ASP A 480 7.64 20.08 -47.45
N ASN A 481 6.87 19.18 -46.85
CA ASN A 481 7.27 18.49 -45.61
C ASN A 481 8.51 17.62 -45.79
N SER A 482 8.70 17.06 -46.99
CA SER A 482 9.92 16.31 -47.29
C SER A 482 11.19 17.15 -47.24
N GLY A 483 11.05 18.47 -47.24
CA GLY A 483 12.19 19.37 -47.36
C GLY A 483 12.98 19.22 -48.66
N ASN A 484 12.50 18.36 -49.56
CA ASN A 484 13.17 18.10 -50.84
C ASN A 484 12.54 18.85 -52.01
N ALA A 485 13.10 18.63 -53.20
CA ALA A 485 12.74 19.35 -54.41
C ALA A 485 11.28 19.09 -54.79
N VAL A 486 10.55 20.17 -55.04
CA VAL A 486 9.21 20.10 -55.63
C VAL A 486 9.34 20.48 -57.10
N THR A 487 8.84 19.62 -57.97
CA THR A 487 8.90 19.91 -59.38
C THR A 487 7.53 20.41 -59.88
N ASN A 488 7.58 21.45 -60.72
CA ASN A 488 6.38 22.11 -61.21
C ASN A 488 6.20 21.94 -62.71
N THR A 489 4.96 21.78 -63.15
CA THR A 489 4.66 21.84 -64.57
C THR A 489 3.56 22.87 -64.70
N VAL A 490 3.52 23.55 -65.84
CA VAL A 490 2.63 24.70 -66.00
C VAL A 490 1.96 24.56 -67.36
N THR A 491 0.64 24.72 -67.37
CA THR A 491 -0.13 24.74 -68.63
C THR A 491 -1.08 25.94 -68.62
N GLY A 492 -1.68 26.21 -69.78
CA GLY A 492 -2.59 27.35 -69.92
C GLY A 492 -1.94 28.73 -70.01
N LEU A 493 -0.65 28.78 -70.32
CA LEU A 493 0.06 30.06 -70.36
C LEU A 493 -0.38 30.91 -71.57
N PRO A 494 -0.61 32.22 -71.36
CA PRO A 494 -0.80 33.07 -72.53
C PRO A 494 0.33 32.88 -73.53
N SER A 495 -0.03 32.92 -74.80
CA SER A 495 0.96 32.85 -75.86
C SER A 495 2.09 33.90 -75.65
N GLY A 496 3.35 33.47 -75.81
CA GLY A 496 4.51 34.33 -75.58
C GLY A 496 5.09 34.28 -74.18
N LEU A 497 4.37 33.68 -73.24
CA LEU A 497 4.91 33.51 -71.87
C LEU A 497 5.50 32.11 -71.70
N THR A 498 6.56 32.02 -70.90
CA THR A 498 7.36 30.79 -70.77
C THR A 498 7.55 30.43 -69.29
N PHE A 499 7.38 29.15 -68.96
CA PHE A 499 7.75 28.68 -67.65
C PHE A 499 9.17 28.15 -67.64
N ASP A 500 9.98 28.64 -66.73
CA ASP A 500 11.35 28.13 -66.58
C ASP A 500 11.49 27.24 -65.35
N SER A 501 11.81 25.97 -65.54
CA SER A 501 11.94 25.05 -64.39
C SER A 501 13.19 25.30 -63.55
N THR A 502 14.22 25.92 -64.14
CA THR A 502 15.45 26.18 -63.40
C THR A 502 15.22 27.14 -62.23
N ASN A 503 14.51 28.23 -62.45
CA ASN A 503 14.28 29.12 -61.33
C ASN A 503 12.81 29.30 -61.00
N ASN A 504 11.95 28.46 -61.59
CA ASN A 504 10.52 28.43 -61.29
C ASN A 504 9.84 29.79 -61.45
N THR A 505 9.99 30.37 -62.65
CA THR A 505 9.39 31.66 -62.96
C THR A 505 8.64 31.57 -64.30
N ILE A 506 7.68 32.47 -64.44
CA ILE A 506 7.00 32.66 -65.71
C ILE A 506 7.43 34.04 -66.22
N SER A 507 7.82 34.11 -67.50
CA SER A 507 8.27 35.41 -68.03
C SER A 507 8.01 35.45 -69.53
N GLY A 508 8.21 36.62 -70.13
CA GLY A 508 8.08 36.78 -71.59
C GLY A 508 7.18 37.94 -71.96
N THR A 509 6.84 37.99 -73.24
CA THR A 509 5.99 39.05 -73.78
C THR A 509 4.72 38.39 -74.33
N PRO A 510 3.55 38.65 -73.73
CA PRO A 510 2.33 38.06 -74.30
C PRO A 510 1.94 38.71 -75.64
N THR A 511 1.47 37.89 -76.58
CA THR A 511 1.20 38.37 -77.93
C THR A 511 -0.29 38.37 -78.32
N ASN A 512 -1.18 37.94 -77.41
CA ASN A 512 -2.64 37.88 -77.68
C ASN A 512 -3.50 38.48 -76.61
N ILE A 513 -4.34 39.46 -76.96
CA ILE A 513 -5.31 39.99 -76.01
C ILE A 513 -6.29 38.85 -75.66
N GLY A 514 -6.70 38.80 -74.40
CA GLY A 514 -7.58 37.71 -73.97
C GLY A 514 -7.28 37.27 -72.54
N THR A 515 -8.03 36.28 -72.08
CA THR A 515 -7.95 35.81 -70.69
C THR A 515 -7.50 34.35 -70.65
N SER A 516 -6.57 34.06 -69.74
CA SER A 516 -6.06 32.73 -69.54
C SER A 516 -6.23 32.31 -68.08
N THR A 517 -6.40 31.01 -67.87
CA THR A 517 -6.30 30.36 -66.56
C THR A 517 -5.02 29.55 -66.55
N ILE A 518 -4.05 30.00 -65.77
CA ILE A 518 -2.79 29.29 -65.73
C ILE A 518 -2.88 28.21 -64.64
N SER A 519 -2.48 27.00 -65.00
CA SER A 519 -2.55 25.86 -64.09
C SER A 519 -1.17 25.26 -63.75
N ILE A 520 -0.80 25.34 -62.47
CA ILE A 520 0.47 24.80 -61.95
C ILE A 520 0.24 23.49 -61.17
N VAL A 521 0.88 22.41 -61.60
CA VAL A 521 0.91 21.16 -60.83
C VAL A 521 2.27 21.04 -60.13
N SER A 522 2.25 21.03 -58.79
CA SER A 522 3.46 20.87 -57.98
C SER A 522 3.49 19.47 -57.33
N THR A 523 4.56 18.72 -57.61
CA THR A 523 4.71 17.31 -57.21
C THR A 523 5.96 17.14 -56.34
N ASP A 524 5.82 16.49 -55.17
CA ASP A 524 6.99 16.11 -54.35
C ASP A 524 7.63 14.82 -54.87
N ALA A 525 8.75 14.40 -54.27
CA ALA A 525 9.41 13.14 -54.66
C ALA A 525 8.52 11.89 -54.53
N SER A 526 7.50 11.98 -53.67
CA SER A 526 6.60 10.86 -53.42
C SER A 526 5.41 10.79 -54.36
N GLY A 527 5.28 11.78 -55.26
CA GLY A 527 4.17 11.81 -56.19
C GLY A 527 2.92 12.51 -55.67
N ASN A 528 3.01 13.10 -54.48
CA ASN A 528 1.90 13.90 -53.94
C ASN A 528 1.81 15.20 -54.75
N LYS A 529 0.60 15.56 -55.19
CA LYS A 529 0.39 16.69 -56.12
C LYS A 529 -0.48 17.80 -55.56
N THR A 530 -0.17 19.04 -55.94
CA THR A 530 -1.04 20.19 -55.70
C THR A 530 -1.24 20.96 -57.02
N THR A 531 -2.49 21.31 -57.32
CA THR A 531 -2.82 22.16 -58.48
C THR A 531 -3.18 23.56 -57.99
N THR A 532 -2.46 24.55 -58.50
CA THR A 532 -2.65 25.94 -58.14
C THR A 532 -2.99 26.67 -59.43
N THR A 533 -3.99 27.53 -59.39
CA THR A 533 -4.35 28.26 -60.61
C THR A 533 -4.43 29.76 -60.36
N PHE A 534 -4.30 30.52 -61.45
CA PHE A 534 -4.56 31.95 -61.43
C PHE A 534 -4.94 32.45 -62.82
N LYS A 535 -5.64 33.58 -62.86
CA LYS A 535 -6.11 34.16 -64.12
C LYS A 535 -5.05 35.11 -64.65
N TYR A 536 -4.82 35.04 -65.96
CA TYR A 536 -3.97 36.02 -66.62
C TYR A 536 -4.76 36.73 -67.72
N GLU A 537 -5.00 38.02 -67.55
CA GLU A 537 -5.63 38.84 -68.56
C GLU A 537 -4.59 39.69 -69.34
N VAL A 538 -4.53 39.44 -70.64
CA VAL A 538 -3.73 40.25 -71.56
C VAL A 538 -4.63 41.35 -72.17
N THR A 539 -4.34 42.60 -71.84
CA THR A 539 -5.19 43.71 -72.28
C THR A 539 -4.62 44.47 -73.51
N ARG A 540 -5.45 45.32 -74.10
CA ARG A 540 -5.00 46.38 -75.01
C ARG A 540 -4.10 47.33 -74.23
N ASN A 541 -3.34 48.16 -74.94
CA ASN A 541 -2.64 49.27 -74.28
C ASN A 541 -3.69 50.30 -73.80
#